data_5JG7
#
_entry.id   5JG7
#
_cell.length_a   44.057
_cell.length_b   84.582
_cell.length_c   91.049
_cell.angle_alpha   90.000
_cell.angle_beta   90.000
_cell.angle_gamma   90.000
#
_symmetry.space_group_name_H-M   'P 21 21 21'
#
loop_
_entity.id
_entity.type
_entity.pdbx_description
1 polymer 'Fur regulated Salmonella iron transporter'
2 non-polymer GLYCEROL
3 water water
#
_entity_poly.entity_id   1
_entity_poly.type   'polypeptide(L)'
_entity_poly.pdbx_seq_one_letter_code
;EKFKVITTFTVIAD(MSE)AKNVAGDAAEVSSITKPGAEIHEYQPTPGDIKRAQGAQLILANGLNLERWFARFYQHLSGV
PEVVVSTGVKP(MSE)GITEGPYNGKPNPHAW(MSE)SAENALIYVDNIRDALVKYDPDNAQIYKQNAERYKAKIRQ
(MSE)ADPLRAELEKIPAD
;
_entity_poly.pdbx_strand_id   A,B
#
# COMPACT_ATOMS: atom_id res chain seq x y z
N GLU A 1 17.59 -9.02 -17.53
CA GLU A 1 16.14 -9.14 -17.51
C GLU A 1 15.50 -7.85 -17.00
N LYS A 2 14.50 -7.35 -17.72
CA LYS A 2 13.85 -6.11 -17.31
C LYS A 2 13.14 -6.28 -15.98
N PHE A 3 13.25 -5.26 -15.13
CA PHE A 3 12.49 -5.19 -13.89
C PHE A 3 11.00 -5.34 -14.20
N LYS A 4 10.29 -6.13 -13.39
CA LYS A 4 8.91 -6.49 -13.70
C LYS A 4 7.97 -5.91 -12.65
N VAL A 5 6.92 -5.22 -13.12
CA VAL A 5 5.99 -4.50 -12.25
C VAL A 5 4.58 -4.93 -12.61
N ILE A 6 3.71 -5.09 -11.59
CA ILE A 6 2.32 -5.39 -11.88
C ILE A 6 1.40 -4.46 -11.08
N THR A 7 0.15 -4.41 -11.53
CA THR A 7 -0.89 -3.63 -10.87
C THR A 7 -2.23 -4.23 -11.24
N THR A 8 -3.27 -3.92 -10.44
CA THR A 8 -4.61 -4.35 -10.79
C THR A 8 -5.43 -3.23 -11.42
N PHE A 9 -4.84 -2.06 -11.65
CA PHE A 9 -5.55 -0.91 -12.22
C PHE A 9 -4.95 -0.58 -13.57
N THR A 10 -5.79 -0.61 -14.61
CA THR A 10 -5.31 -0.33 -15.96
C THR A 10 -4.70 1.07 -16.05
N VAL A 11 -5.32 2.06 -15.40
CA VAL A 11 -4.79 3.41 -15.53
C VAL A 11 -3.42 3.53 -14.88
N ILE A 12 -3.18 2.82 -13.77
CA ILE A 12 -1.83 2.80 -13.19
C ILE A 12 -0.85 2.12 -14.14
N ALA A 13 -1.27 1.03 -14.79
CA ALA A 13 -0.39 0.37 -15.75
C ALA A 13 -0.04 1.32 -16.90
N ASP A 14 -1.03 2.06 -17.41
CA ASP A 14 -0.81 2.99 -18.51
C ASP A 14 0.21 4.06 -18.12
N ALA A 16 2.35 3.94 -15.61
CA ALA A 16 3.63 3.30 -15.31
C ALA A 16 4.40 2.90 -16.57
N LYS A 17 3.69 2.49 -17.63
N LYS A 17 3.68 2.51 -17.64
CA LYS A 17 4.36 2.21 -18.90
CA LYS A 17 4.35 2.20 -18.90
C LYS A 17 5.08 3.44 -19.43
C LYS A 17 5.05 3.42 -19.48
N ASN A 18 4.46 4.61 -19.31
CA ASN A 18 5.12 5.83 -19.76
C ASN A 18 6.32 6.18 -18.90
N VAL A 19 6.24 5.97 -17.59
CA VAL A 19 7.40 6.24 -16.73
C VAL A 19 8.49 5.21 -16.97
N ALA A 20 8.10 3.94 -17.13
CA ALA A 20 9.07 2.84 -17.25
C ALA A 20 9.79 2.86 -18.59
N GLY A 21 9.06 3.17 -19.66
CA GLY A 21 9.66 3.11 -20.99
C GLY A 21 10.25 1.74 -21.26
N ASP A 22 11.52 1.73 -21.66
CA ASP A 22 12.22 0.50 -21.96
C ASP A 22 12.90 -0.14 -20.75
N ALA A 23 12.89 0.52 -19.59
CA ALA A 23 13.65 0.04 -18.44
C ALA A 23 12.91 -1.04 -17.64
N ALA A 24 11.59 -1.00 -17.60
CA ALA A 24 10.82 -1.99 -16.86
C ALA A 24 9.67 -2.49 -17.71
N GLU A 25 9.19 -3.67 -17.34
CA GLU A 25 7.99 -4.25 -17.93
C GLU A 25 6.83 -4.08 -16.96
N VAL A 26 5.69 -3.61 -17.46
CA VAL A 26 4.52 -3.34 -16.65
C VAL A 26 3.36 -4.15 -17.19
N SER A 27 2.72 -4.93 -16.32
CA SER A 27 1.57 -5.76 -16.68
C SER A 27 0.46 -5.52 -15.68
N SER A 28 -0.77 -5.69 -16.13
CA SER A 28 -1.88 -5.59 -15.21
C SER A 28 -2.63 -6.92 -15.13
N ILE A 29 -3.24 -7.17 -13.97
CA ILE A 29 -4.04 -8.35 -13.78
C ILE A 29 -5.40 -7.89 -13.27
N THR A 30 -6.40 -8.76 -13.39
CA THR A 30 -7.77 -8.39 -13.03
C THR A 30 -8.07 -8.77 -11.59
N LYS A 31 -8.61 -7.83 -10.83
CA LYS A 31 -9.07 -8.04 -9.46
C LYS A 31 -10.59 -8.12 -9.44
N PRO A 32 -11.19 -9.17 -8.88
CA PRO A 32 -12.65 -9.25 -8.84
C PRO A 32 -13.25 -8.17 -7.95
N GLY A 33 -14.48 -7.77 -8.27
CA GLY A 33 -15.14 -6.71 -7.53
C GLY A 33 -15.89 -7.18 -6.30
N GLU A 35 -17.12 -9.47 -2.32
CA GLU A 35 -16.10 -10.50 -2.42
C GLU A 35 -16.62 -11.73 -3.15
N ILE A 36 -15.86 -12.19 -4.15
CA ILE A 36 -16.26 -13.30 -5.00
C ILE A 36 -15.79 -14.62 -4.40
N HIS A 37 -16.70 -15.59 -4.32
CA HIS A 37 -16.40 -16.87 -3.67
C HIS A 37 -15.26 -17.59 -4.39
N GLU A 38 -15.49 -17.98 -5.64
CA GLU A 38 -14.49 -18.67 -6.44
C GLU A 38 -14.12 -17.76 -7.62
N TYR A 39 -12.96 -17.10 -7.53
CA TYR A 39 -12.45 -16.30 -8.65
C TYR A 39 -11.15 -16.93 -9.12
N GLN A 40 -11.23 -17.67 -10.21
CA GLN A 40 -10.08 -18.36 -10.76
C GLN A 40 -9.31 -17.42 -11.69
N PRO A 41 -7.99 -17.35 -11.58
CA PRO A 41 -7.22 -16.53 -12.53
C PRO A 41 -7.28 -17.11 -13.92
N THR A 42 -7.22 -16.23 -14.89
CA THR A 42 -7.02 -16.71 -16.24
C THR A 42 -5.56 -17.12 -16.43
N PRO A 43 -5.29 -17.99 -17.40
CA PRO A 43 -3.88 -18.27 -17.73
C PRO A 43 -3.09 -17.01 -18.08
N GLY A 44 -3.73 -16.05 -18.76
CA GLY A 44 -3.04 -14.82 -19.09
C GLY A 44 -2.60 -14.04 -17.87
N ASP A 45 -3.45 -13.99 -16.84
CA ASP A 45 -3.06 -13.27 -15.62
C ASP A 45 -1.98 -14.03 -14.87
N ILE A 46 -2.04 -15.37 -14.87
CA ILE A 46 -0.98 -16.15 -14.24
C ILE A 46 0.37 -15.82 -14.88
N LYS A 47 0.40 -15.72 -16.20
CA LYS A 47 1.67 -15.47 -16.87
C LYS A 47 2.12 -14.02 -16.66
N ARG A 48 1.18 -13.08 -16.68
CA ARG A 48 1.54 -11.68 -16.47
C ARG A 48 2.16 -11.45 -15.10
N ALA A 49 1.74 -12.22 -14.09
CA ALA A 49 2.25 -11.99 -12.74
C ALA A 49 3.57 -12.69 -12.46
N GLN A 50 4.03 -13.57 -13.37
CA GLN A 50 5.30 -14.27 -13.18
C GLN A 50 6.46 -13.31 -12.99
N GLY A 51 7.25 -13.56 -11.94
CA GLY A 51 8.45 -12.79 -11.74
C GLY A 51 8.22 -11.35 -11.32
N ALA A 52 6.99 -10.99 -10.95
CA ALA A 52 6.72 -9.64 -10.48
C ALA A 52 7.67 -9.27 -9.36
N GLN A 53 8.25 -8.07 -9.44
CA GLN A 53 9.15 -7.55 -8.43
C GLN A 53 8.60 -6.33 -7.69
N LEU A 54 7.46 -5.79 -8.12
CA LEU A 54 6.88 -4.62 -7.50
C LEU A 54 5.42 -4.61 -7.87
N ILE A 55 4.56 -4.31 -6.90
CA ILE A 55 3.13 -4.13 -7.13
C ILE A 55 2.80 -2.66 -6.88
N LEU A 56 2.11 -2.03 -7.82
CA LEU A 56 1.68 -0.64 -7.67
C LEU A 56 0.20 -0.62 -7.34
N ALA A 57 -0.16 0.04 -6.22
CA ALA A 57 -1.51 -0.05 -5.67
C ALA A 57 -2.15 1.34 -5.48
N ASN A 58 -3.48 1.35 -5.50
CA ASN A 58 -4.22 2.47 -4.96
C ASN A 58 -4.37 2.30 -3.46
N GLY A 59 -4.50 3.42 -2.75
CA GLY A 59 -4.57 3.42 -1.31
C GLY A 59 -5.98 3.65 -0.79
N LEU A 60 -6.05 3.69 0.54
CA LEU A 60 -7.31 3.94 1.22
C LEU A 60 -7.93 5.27 0.77
N ASN A 61 -7.10 6.24 0.39
CA ASN A 61 -7.59 7.55 0.00
C ASN A 61 -8.44 7.51 -1.28
N LEU A 62 -8.49 6.37 -1.98
CA LEU A 62 -9.34 6.25 -3.15
C LEU A 62 -10.59 5.42 -2.90
N GLU A 63 -10.74 4.83 -1.72
CA GLU A 63 -12.01 4.21 -1.38
C GLU A 63 -13.06 5.29 -1.18
N ARG A 64 -14.23 5.11 -1.79
CA ARG A 64 -15.28 6.14 -1.78
C ARG A 64 -15.60 6.61 -0.36
N TRP A 65 -15.80 5.69 0.58
CA TRP A 65 -16.16 6.09 1.94
C TRP A 65 -15.07 6.95 2.57
N PHE A 66 -13.82 6.62 2.29
CA PHE A 66 -12.71 7.33 2.91
C PHE A 66 -12.43 8.65 2.20
N ALA A 67 -12.55 8.66 0.87
CA ALA A 67 -12.26 9.88 0.11
C ALA A 67 -13.24 10.99 0.44
N ARG A 68 -14.47 10.64 0.82
CA ARG A 68 -15.49 11.62 1.09
C ARG A 68 -15.34 12.21 2.50
N PHE A 69 -15.16 11.36 3.51
CA PHE A 69 -15.20 11.80 4.89
C PHE A 69 -13.83 12.13 5.47
N TYR A 70 -12.75 11.68 4.84
CA TYR A 70 -11.41 11.91 5.35
C TYR A 70 -10.55 12.59 4.28
N GLN A 71 -11.15 13.58 3.60
CA GLN A 71 -10.43 14.35 2.59
C GLN A 71 -9.14 14.93 3.14
N HIS A 72 -9.12 15.28 4.43
CA HIS A 72 -7.93 15.89 5.00
C HIS A 72 -6.77 14.92 5.07
N LEU A 73 -7.01 13.63 4.85
CA LEU A 73 -5.97 12.62 4.92
C LEU A 73 -5.48 12.19 3.54
N SER A 74 -5.83 12.91 2.49
CA SER A 74 -5.53 12.45 1.13
C SER A 74 -4.03 12.35 0.88
N GLY A 75 -3.22 13.14 1.57
CA GLY A 75 -1.78 13.14 1.40
C GLY A 75 -1.01 12.34 2.44
N VAL A 76 -1.70 11.60 3.29
CA VAL A 76 -1.04 10.84 4.36
C VAL A 76 -0.44 9.58 3.75
N PRO A 77 0.84 9.30 3.99
CA PRO A 77 1.44 8.09 3.42
C PRO A 77 0.78 6.83 3.98
N GLU A 78 0.71 5.82 3.12
CA GLU A 78 0.15 4.52 3.47
C GLU A 78 1.15 3.43 3.09
N VAL A 79 1.45 2.54 4.05
CA VAL A 79 2.50 1.53 3.87
C VAL A 79 1.87 0.15 4.07
N VAL A 80 2.12 -0.76 3.12
CA VAL A 80 1.70 -2.14 3.23
C VAL A 80 2.67 -2.87 4.16
N VAL A 81 2.15 -3.48 5.23
CA VAL A 81 2.98 -4.15 6.24
C VAL A 81 2.75 -5.66 6.25
N SER A 82 1.99 -6.20 5.31
CA SER A 82 1.77 -7.65 5.23
C SER A 82 2.75 -8.35 4.30
N THR A 83 3.73 -7.64 3.77
CA THR A 83 4.64 -8.22 2.78
C THR A 83 5.39 -9.40 3.40
N GLY A 84 5.30 -10.56 2.75
CA GLY A 84 5.96 -11.76 3.22
C GLY A 84 5.07 -12.68 4.04
N VAL A 85 3.90 -12.20 4.45
CA VAL A 85 2.95 -13.00 5.19
C VAL A 85 2.37 -14.06 4.27
N LYS A 86 2.53 -15.32 4.64
CA LYS A 86 1.98 -16.43 3.88
C LYS A 86 0.68 -16.86 4.56
N PRO A 87 -0.48 -16.51 4.03
CA PRO A 87 -1.71 -16.64 4.79
C PRO A 87 -2.16 -18.06 5.01
N GLY A 89 -3.78 -19.42 7.58
CA GLY A 89 -4.48 -19.08 8.80
C GLY A 89 -5.20 -17.74 8.76
N ILE A 90 -4.63 -16.76 8.07
CA ILE A 90 -5.28 -15.46 7.93
C ILE A 90 -6.25 -15.49 6.74
N HIS A 102 -14.49 18.67 -15.09
CA HIS A 102 -13.38 18.85 -14.18
C HIS A 102 -12.13 18.11 -14.67
N ALA A 103 -11.82 18.27 -15.96
CA ALA A 103 -10.63 17.66 -16.53
C ALA A 103 -9.35 18.20 -15.92
N TRP A 104 -9.40 19.39 -15.31
N TRP A 104 -9.40 19.36 -15.28
CA TRP A 104 -8.23 19.96 -14.67
CA TRP A 104 -8.19 19.93 -14.69
C TRP A 104 -7.78 19.13 -13.48
C TRP A 104 -7.77 19.17 -13.44
N SER A 106 -8.41 15.97 -12.86
CA SER A 106 -7.86 14.71 -13.33
C SER A 106 -6.41 14.86 -13.73
N ALA A 107 -6.06 15.96 -14.42
CA ALA A 107 -4.67 16.16 -14.81
C ALA A 107 -3.77 16.36 -13.58
N GLU A 108 -4.23 17.14 -12.60
CA GLU A 108 -3.46 17.29 -11.37
C GLU A 108 -3.25 15.95 -10.66
N ASN A 109 -4.28 15.10 -10.65
CA ASN A 109 -4.12 13.76 -10.09
C ASN A 109 -3.10 12.94 -10.87
N ALA A 110 -3.15 13.03 -12.21
CA ALA A 110 -2.19 12.29 -13.02
C ALA A 110 -0.76 12.69 -12.70
N LEU A 111 -0.51 14.00 -12.51
CA LEU A 111 0.84 14.45 -12.19
C LEU A 111 1.32 13.84 -10.86
N ILE A 112 0.43 13.80 -9.87
CA ILE A 112 0.78 13.23 -8.57
C ILE A 112 1.06 11.74 -8.69
N TYR A 113 0.17 11.01 -9.38
CA TYR A 113 0.40 9.60 -9.64
C TYR A 113 1.76 9.37 -10.30
N VAL A 114 2.06 10.17 -11.32
CA VAL A 114 3.30 9.94 -12.06
C VAL A 114 4.51 10.12 -11.15
N ASP A 115 4.50 11.17 -10.32
CA ASP A 115 5.59 11.35 -9.36
C ASP A 115 5.71 10.15 -8.43
N ASN A 116 4.57 9.65 -7.93
CA ASN A 116 4.63 8.53 -6.99
C ASN A 116 5.10 7.26 -7.68
N ILE A 117 4.65 7.03 -8.92
CA ILE A 117 5.11 5.84 -9.66
C ILE A 117 6.59 5.94 -9.95
N ARG A 118 7.05 7.11 -10.42
CA ARG A 118 8.47 7.39 -10.56
C ARG A 118 9.24 7.05 -9.27
N ASP A 119 8.79 7.59 -8.14
CA ASP A 119 9.52 7.37 -6.89
C ASP A 119 9.62 5.89 -6.56
N ALA A 120 8.56 5.13 -6.83
CA ALA A 120 8.59 3.72 -6.52
C ALA A 120 9.55 2.97 -7.43
N LEU A 121 9.55 3.30 -8.72
CA LEU A 121 10.48 2.64 -9.63
C LEU A 121 11.92 3.02 -9.30
N VAL A 122 12.15 4.29 -8.94
CA VAL A 122 13.49 4.74 -8.55
C VAL A 122 13.97 3.99 -7.32
N LYS A 123 13.07 3.73 -6.38
CA LYS A 123 13.45 3.04 -5.15
C LYS A 123 13.78 1.57 -5.39
N TYR A 124 12.94 0.86 -6.15
CA TYR A 124 13.09 -0.58 -6.26
C TYR A 124 13.93 -1.01 -7.44
N ASP A 125 14.18 -0.13 -8.41
CA ASP A 125 15.07 -0.41 -9.53
C ASP A 125 16.05 0.76 -9.70
N PRO A 126 16.90 1.00 -8.70
CA PRO A 126 17.74 2.22 -8.72
C PRO A 126 18.72 2.28 -9.87
N ASP A 127 19.08 1.15 -10.47
CA ASP A 127 19.98 1.16 -11.62
C ASP A 127 19.44 2.00 -12.77
N ASN A 128 18.12 2.21 -12.82
CA ASN A 128 17.49 2.95 -13.89
C ASN A 128 16.82 4.23 -13.40
N ALA A 129 17.24 4.72 -12.24
CA ALA A 129 16.63 5.91 -11.64
C ALA A 129 16.56 7.07 -12.63
N GLN A 130 17.65 7.35 -13.35
N GLN A 130 17.66 7.33 -13.34
CA GLN A 130 17.63 8.52 -14.22
CA GLN A 130 17.73 8.46 -14.26
C GLN A 130 16.65 8.35 -15.38
C GLN A 130 16.71 8.35 -15.38
N ILE A 131 16.54 7.13 -15.92
CA ILE A 131 15.57 6.90 -16.98
C ILE A 131 14.15 7.14 -16.48
N TYR A 132 13.83 6.65 -15.29
CA TYR A 132 12.49 6.86 -14.75
C TYR A 132 12.23 8.34 -14.50
N LYS A 133 13.24 9.06 -14.01
CA LYS A 133 13.06 10.49 -13.73
C LYS A 133 12.82 11.26 -15.02
N GLN A 134 13.58 10.96 -16.08
CA GLN A 134 13.41 11.72 -17.30
C GLN A 134 12.13 11.32 -18.04
N ASN A 135 11.77 10.03 -18.03
CA ASN A 135 10.50 9.62 -18.62
C ASN A 135 9.33 10.26 -17.88
N ALA A 136 9.42 10.33 -16.54
CA ALA A 136 8.36 10.97 -15.78
C ALA A 136 8.24 12.45 -16.14
N GLU A 137 9.36 13.14 -16.27
CA GLU A 137 9.35 14.55 -16.67
C GLU A 137 8.72 14.72 -18.04
N ARG A 138 9.12 13.90 -19.00
CA ARG A 138 8.56 14.02 -20.35
C ARG A 138 7.05 13.79 -20.35
N TYR A 139 6.61 12.79 -19.60
CA TYR A 139 5.19 12.46 -19.55
C TYR A 139 4.40 13.55 -18.85
N LYS A 140 4.94 14.07 -17.74
CA LYS A 140 4.27 15.16 -17.04
C LYS A 140 4.14 16.38 -17.94
N ALA A 141 5.16 16.64 -18.77
CA ALA A 141 5.07 17.77 -19.70
C ALA A 141 3.92 17.58 -20.67
N LYS A 142 3.73 16.35 -21.15
CA LYS A 142 2.60 16.08 -22.05
C LYS A 142 1.27 16.27 -21.32
N ILE A 143 1.19 15.84 -20.06
CA ILE A 143 -0.04 16.01 -19.29
C ILE A 143 -0.36 17.49 -19.10
N ARG A 144 0.64 18.28 -18.71
N ARG A 144 0.65 18.28 -18.73
CA ARG A 144 0.43 19.71 -18.55
CA ARG A 144 0.41 19.69 -18.47
C ARG A 144 -0.03 20.34 -19.85
C ARG A 144 0.02 20.44 -19.74
N GLN A 145 0.60 19.96 -20.96
N GLN A 145 0.57 20.04 -20.89
CA GLN A 145 0.24 20.49 -22.26
CA GLN A 145 0.19 20.68 -22.15
C GLN A 145 -1.20 20.14 -22.61
C GLN A 145 -1.24 20.33 -22.52
N ALA A 147 -3.70 19.59 -20.58
CA ALA A 147 -4.63 20.22 -19.65
C ALA A 147 -4.47 21.72 -19.51
N ASP A 148 -3.62 22.35 -20.33
CA ASP A 148 -3.36 23.78 -20.27
C ASP A 148 -4.67 24.57 -20.31
N PRO A 149 -4.99 25.32 -19.26
CA PRO A 149 -6.26 26.06 -19.24
C PRO A 149 -6.39 27.09 -20.35
N LEU A 150 -5.27 27.66 -20.81
CA LEU A 150 -5.31 28.65 -21.88
C LEU A 150 -5.82 28.05 -23.18
N ARG A 151 -5.73 26.75 -23.35
CA ARG A 151 -6.15 26.06 -24.56
C ARG A 151 -7.62 25.72 -24.56
N ALA A 152 -8.25 25.65 -23.39
CA ALA A 152 -9.55 24.98 -23.26
C ALA A 152 -10.67 25.77 -23.93
N GLU A 153 -10.68 27.09 -23.78
CA GLU A 153 -11.76 27.86 -24.40
C GLU A 153 -11.60 27.89 -25.91
N LEU A 154 -10.38 28.10 -26.40
CA LEU A 154 -10.16 28.09 -27.84
C LEU A 154 -10.54 26.75 -28.45
N GLU A 155 -10.40 25.67 -27.70
CA GLU A 155 -10.76 24.34 -28.20
C GLU A 155 -12.25 24.25 -28.49
N LYS A 156 -13.06 25.10 -27.83
CA LYS A 156 -14.51 25.05 -28.03
C LYS A 156 -14.93 25.57 -29.40
N ILE A 157 -14.05 26.28 -30.09
CA ILE A 157 -14.41 26.91 -31.36
C ILE A 157 -14.75 25.81 -32.36
N PRO A 158 -15.93 25.86 -32.97
CA PRO A 158 -16.37 24.72 -33.79
C PRO A 158 -15.52 24.58 -35.04
N ALA A 159 -15.33 23.32 -35.44
CA ALA A 159 -14.66 23.06 -36.70
C ALA A 159 -15.57 23.43 -37.87
N ASP A 160 -14.96 23.62 -39.03
CA ASP A 160 -15.71 23.94 -40.22
C ASP A 160 -16.54 22.73 -40.67
N GLU B 1 3.40 16.55 20.64
CA GLU B 1 2.48 15.52 20.15
C GLU B 1 3.23 14.28 19.67
N LYS B 2 2.75 13.11 20.10
CA LYS B 2 3.31 11.86 19.59
C LYS B 2 3.04 11.73 18.10
N PHE B 3 3.91 10.97 17.42
CA PHE B 3 3.62 10.51 16.08
C PHE B 3 2.30 9.73 16.08
N LYS B 4 1.49 9.91 15.03
CA LYS B 4 0.14 9.36 14.98
C LYS B 4 -0.02 8.43 13.79
N VAL B 5 -0.47 7.20 14.06
CA VAL B 5 -0.58 6.14 13.07
C VAL B 5 -1.99 5.59 13.13
N ILE B 6 -2.59 5.30 11.97
CA ILE B 6 -3.89 4.66 11.95
C ILE B 6 -3.89 3.44 11.04
N THR B 7 -4.91 2.63 11.20
CA THR B 7 -5.11 1.42 10.39
C THR B 7 -6.58 1.07 10.44
N THR B 8 -7.05 0.40 9.40
CA THR B 8 -8.40 -0.16 9.46
C THR B 8 -8.42 -1.59 9.95
N PHE B 9 -7.26 -2.18 10.20
N PHE B 9 -7.26 -2.20 10.21
CA PHE B 9 -7.14 -3.59 10.58
CA PHE B 9 -7.15 -3.62 10.54
C PHE B 9 -6.80 -3.66 12.05
C PHE B 9 -6.78 -3.72 12.02
N THR B 10 -7.71 -4.23 12.83
CA THR B 10 -7.56 -4.17 14.28
C THR B 10 -6.30 -4.88 14.76
N VAL B 11 -5.96 -6.02 14.16
CA VAL B 11 -4.79 -6.74 14.67
C VAL B 11 -3.50 -6.01 14.31
N ILE B 12 -3.48 -5.27 13.20
CA ILE B 12 -2.32 -4.43 12.94
C ILE B 12 -2.19 -3.37 14.02
N ALA B 13 -3.31 -2.77 14.43
CA ALA B 13 -3.25 -1.82 15.54
C ALA B 13 -2.70 -2.47 16.79
N ASP B 14 -3.14 -3.70 17.09
CA ASP B 14 -2.67 -4.39 18.30
C ASP B 14 -1.15 -4.56 18.26
N ALA B 16 1.04 -2.97 16.26
CA ALA B 16 1.72 -1.68 16.16
C ALA B 16 1.78 -0.99 17.52
N LYS B 17 0.76 -1.14 18.35
CA LYS B 17 0.81 -0.55 19.69
C LYS B 17 1.98 -1.10 20.49
N ASN B 18 2.31 -2.38 20.30
CA ASN B 18 3.44 -2.96 21.02
C ASN B 18 4.79 -2.52 20.44
N VAL B 19 4.87 -2.31 19.13
CA VAL B 19 6.10 -1.75 18.55
C VAL B 19 6.24 -0.28 18.93
N ALA B 20 5.13 0.45 18.88
CA ALA B 20 5.16 1.88 19.12
C ALA B 20 5.49 2.19 20.57
N GLY B 21 4.94 1.41 21.49
CA GLY B 21 5.12 1.74 22.90
C GLY B 21 4.63 3.14 23.17
N ASP B 22 5.44 3.93 23.90
CA ASP B 22 5.07 5.30 24.19
C ASP B 22 5.54 6.29 23.13
N ALA B 23 6.20 5.81 22.06
CA ALA B 23 6.75 6.72 21.04
C ALA B 23 5.71 7.21 20.06
N ALA B 24 4.67 6.43 19.80
CA ALA B 24 3.64 6.84 18.84
C ALA B 24 2.27 6.42 19.37
N GLU B 25 1.25 7.12 18.88
CA GLU B 25 -0.14 6.81 19.16
C GLU B 25 -0.72 6.04 17.98
N VAL B 26 -1.24 4.84 18.24
CA VAL B 26 -1.80 3.98 17.21
C VAL B 26 -3.30 3.85 17.43
N SER B 27 -4.09 4.10 16.38
CA SER B 27 -5.55 4.01 16.45
C SER B 27 -6.08 3.22 15.27
N SER B 28 -7.20 2.54 15.48
CA SER B 28 -7.90 1.91 14.37
C SER B 28 -9.19 2.65 14.08
N ILE B 29 -9.56 2.67 12.81
CA ILE B 29 -10.86 3.20 12.41
C ILE B 29 -11.62 2.08 11.71
N THR B 30 -12.94 2.23 11.66
CA THR B 30 -13.79 1.18 11.12
C THR B 30 -13.97 1.38 9.63
N LYS B 31 -13.70 0.33 8.87
CA LYS B 31 -13.97 0.30 7.44
C LYS B 31 -15.36 -0.26 7.21
N PRO B 32 -16.27 0.47 6.57
CA PRO B 32 -17.63 -0.05 6.38
C PRO B 32 -17.63 -1.26 5.48
N GLY B 33 -18.55 -2.19 5.77
CA GLY B 33 -18.74 -3.33 4.90
C GLY B 33 -19.64 -2.99 3.73
N ALA B 34 -20.88 -2.62 4.04
CA ALA B 34 -21.89 -2.21 3.05
C ALA B 34 -22.04 -3.24 1.92
N TYR B 39 -20.61 4.51 5.04
CA TYR B 39 -21.64 5.35 5.64
C TYR B 39 -21.01 6.48 6.43
N GLN B 40 -21.72 6.95 7.50
CA GLN B 40 -21.32 8.05 8.36
C GLN B 40 -20.34 7.57 9.43
N PRO B 41 -19.24 8.29 9.66
CA PRO B 41 -18.28 7.89 10.68
C PRO B 41 -18.63 8.48 12.04
N THR B 42 -18.31 7.71 13.08
CA THR B 42 -18.55 8.16 14.45
C THR B 42 -17.66 9.37 14.76
N PRO B 43 -18.07 10.18 15.74
CA PRO B 43 -17.15 11.24 16.20
C PRO B 43 -15.85 10.70 16.76
N GLY B 44 -15.87 9.51 17.35
CA GLY B 44 -14.63 8.89 17.78
C GLY B 44 -13.71 8.55 16.62
N ASP B 45 -14.28 8.09 15.50
CA ASP B 45 -13.45 7.81 14.33
C ASP B 45 -12.95 9.10 13.68
N ILE B 46 -13.76 10.15 13.72
CA ILE B 46 -13.26 11.47 13.30
C ILE B 46 -12.05 11.84 14.16
N LYS B 47 -12.15 11.67 15.47
CA LYS B 47 -11.06 12.04 16.37
C LYS B 47 -9.85 11.13 16.21
N ARG B 48 -10.08 9.83 16.03
CA ARG B 48 -8.95 8.91 15.91
C ARG B 48 -8.16 9.17 14.64
N ALA B 49 -8.84 9.57 13.55
CA ALA B 49 -8.15 9.79 12.29
C ALA B 49 -7.42 11.13 12.26
N GLN B 50 -7.84 12.07 13.08
CA GLN B 50 -7.30 13.42 13.04
C GLN B 50 -5.79 13.42 13.29
N GLY B 51 -5.07 14.13 12.43
CA GLY B 51 -3.64 14.22 12.62
C GLY B 51 -2.85 12.99 12.26
N ALA B 52 -3.49 11.97 11.65
CA ALA B 52 -2.73 10.79 11.25
C ALA B 52 -1.59 11.20 10.34
N GLN B 53 -0.42 10.61 10.59
CA GLN B 53 0.75 10.84 9.75
C GLN B 53 1.18 9.61 8.99
N LEU B 54 0.55 8.47 9.24
CA LEU B 54 0.92 7.22 8.59
C LEU B 54 -0.28 6.29 8.70
N ILE B 55 -0.57 5.58 7.61
CA ILE B 55 -1.58 4.54 7.57
C ILE B 55 -0.86 3.21 7.35
N LEU B 56 -1.16 2.22 8.18
CA LEU B 56 -0.62 0.87 8.01
C LEU B 56 -1.69 -0.01 7.40
N ALA B 57 -1.34 -0.79 6.39
CA ALA B 57 -2.33 -1.50 5.60
C ALA B 57 -1.88 -2.93 5.32
N ASN B 58 -2.88 -3.81 5.13
CA ASN B 58 -2.65 -5.09 4.46
C ASN B 58 -2.58 -4.87 2.96
N GLY B 59 -1.81 -5.73 2.29
CA GLY B 59 -1.66 -5.66 0.86
C GLY B 59 -2.45 -6.72 0.13
N LEU B 60 -2.20 -6.79 -1.18
CA LEU B 60 -2.87 -7.73 -2.07
C LEU B 60 -2.64 -9.17 -1.63
N ASN B 61 -1.48 -9.47 -1.07
CA ASN B 61 -1.16 -10.84 -0.68
C ASN B 61 -2.07 -11.38 0.41
N LEU B 62 -2.91 -10.54 1.00
CA LEU B 62 -3.87 -10.98 2.01
C LEU B 62 -5.30 -10.99 1.50
N GLU B 63 -5.54 -10.65 0.24
N GLU B 63 -5.54 -10.61 0.25
CA GLU B 63 -6.85 -10.82 -0.35
CA GLU B 63 -6.84 -10.85 -0.35
C GLU B 63 -7.03 -12.27 -0.81
C GLU B 63 -6.97 -12.32 -0.67
N ARG B 64 -8.16 -12.88 -0.41
CA ARG B 64 -8.34 -14.33 -0.59
C ARG B 64 -8.08 -14.77 -2.02
N TRP B 65 -8.66 -14.05 -2.99
CA TRP B 65 -8.51 -14.47 -4.40
C TRP B 65 -7.05 -14.48 -4.81
N PHE B 66 -6.26 -13.55 -4.29
CA PHE B 66 -4.85 -13.43 -4.66
C PHE B 66 -4.00 -14.42 -3.87
N ALA B 67 -4.25 -14.52 -2.57
CA ALA B 67 -3.49 -15.47 -1.75
C ALA B 67 -3.73 -16.91 -2.19
N ARG B 68 -4.89 -17.22 -2.76
CA ARG B 68 -5.14 -18.61 -3.15
C ARG B 68 -4.34 -19.01 -4.39
N PHE B 69 -4.04 -18.08 -5.29
CA PHE B 69 -3.46 -18.43 -6.58
C PHE B 69 -2.14 -17.74 -6.92
N TYR B 70 -1.72 -16.76 -6.13
CA TYR B 70 -0.45 -16.08 -6.35
C TYR B 70 0.40 -16.10 -5.09
N GLN B 71 0.45 -17.25 -4.41
CA GLN B 71 1.24 -17.34 -3.18
C GLN B 71 2.70 -16.97 -3.39
N HIS B 72 3.25 -17.28 -4.57
CA HIS B 72 4.66 -17.02 -4.85
C HIS B 72 5.02 -15.54 -4.83
N LEU B 73 4.02 -14.65 -4.83
CA LEU B 73 4.24 -13.21 -4.79
C LEU B 73 4.05 -12.63 -3.40
N SER B 74 3.95 -13.48 -2.37
N SER B 74 3.94 -13.46 -2.37
CA SER B 74 3.66 -13.00 -1.03
CA SER B 74 3.64 -12.91 -1.05
C SER B 74 4.72 -12.03 -0.53
C SER B 74 4.72 -11.96 -0.56
N GLY B 75 5.97 -12.18 -0.97
CA GLY B 75 7.05 -11.30 -0.56
C GLY B 75 7.35 -10.13 -1.48
N VAL B 76 6.56 -9.93 -2.53
CA VAL B 76 6.83 -8.85 -3.48
C VAL B 76 6.41 -7.53 -2.85
N PRO B 77 7.25 -6.49 -2.87
CA PRO B 77 6.84 -5.21 -2.27
C PRO B 77 5.67 -4.60 -3.00
N GLU B 78 4.77 -3.98 -2.25
CA GLU B 78 3.59 -3.32 -2.79
C GLU B 78 3.58 -1.89 -2.30
N VAL B 79 3.49 -0.94 -3.23
CA VAL B 79 3.66 0.48 -2.93
C VAL B 79 2.37 1.19 -3.31
N VAL B 80 1.81 1.95 -2.37
CA VAL B 80 0.64 2.80 -2.64
C VAL B 80 1.12 4.03 -3.43
N VAL B 81 0.60 4.20 -4.65
CA VAL B 81 1.03 5.31 -5.52
C VAL B 81 -0.06 6.37 -5.67
N SER B 82 -1.15 6.27 -4.92
CA SER B 82 -2.23 7.26 -4.99
C SER B 82 -2.11 8.38 -3.97
N THR B 83 -1.05 8.41 -3.17
CA THR B 83 -0.92 9.41 -2.12
C THR B 83 -0.96 10.82 -2.70
N GLY B 84 -1.87 11.65 -2.18
CA GLY B 84 -2.07 13.01 -2.68
C GLY B 84 -3.19 13.15 -3.69
N VAL B 85 -3.66 12.04 -4.27
CA VAL B 85 -4.73 12.10 -5.25
C VAL B 85 -6.05 12.43 -4.56
N LYS B 86 -6.84 13.27 -5.21
CA LYS B 86 -8.17 13.64 -4.73
C LYS B 86 -9.22 13.17 -5.72
N PRO B 87 -10.00 12.14 -5.41
CA PRO B 87 -10.97 11.64 -6.39
C PRO B 87 -12.08 12.66 -6.64
N ALA B 103 -10.12 -18.31 11.65
CA ALA B 103 -8.85 -17.72 11.24
C ALA B 103 -7.88 -17.65 12.42
N TRP B 104 -6.59 -17.77 12.14
CA TRP B 104 -5.60 -17.68 13.21
C TRP B 104 -4.35 -16.99 12.69
N SER B 106 -0.56 -17.07 12.85
CA SER B 106 0.59 -17.88 13.23
C SER B 106 1.70 -17.00 13.79
N ALA B 107 2.55 -17.59 14.63
CA ALA B 107 3.70 -16.84 15.16
C ALA B 107 4.61 -16.39 14.04
N GLU B 108 4.83 -17.26 13.04
CA GLU B 108 5.68 -16.90 11.92
C GLU B 108 5.17 -15.64 11.22
N ASN B 109 3.86 -15.56 10.98
CA ASN B 109 3.30 -14.38 10.33
C ASN B 109 3.39 -13.16 11.23
N ALA B 110 3.17 -13.34 12.54
CA ALA B 110 3.23 -12.21 13.47
C ALA B 110 4.62 -11.58 13.46
N LEU B 111 5.65 -12.41 13.36
CA LEU B 111 7.02 -11.89 13.35
C LEU B 111 7.28 -11.06 12.10
N ILE B 112 6.78 -11.53 10.95
CA ILE B 112 6.94 -10.77 9.70
C ILE B 112 6.22 -9.44 9.82
N TYR B 113 4.97 -9.46 10.29
CA TYR B 113 4.24 -8.20 10.51
C TYR B 113 5.01 -7.25 11.40
N VAL B 114 5.57 -7.74 12.50
CA VAL B 114 6.22 -6.84 13.44
C VAL B 114 7.45 -6.18 12.81
N ASP B 115 8.23 -6.97 12.05
CA ASP B 115 9.38 -6.39 11.34
C ASP B 115 8.92 -5.33 10.36
N ASN B 116 7.85 -5.61 9.60
CA ASN B 116 7.37 -4.63 8.63
C ASN B 116 6.85 -3.37 9.32
N ILE B 117 6.14 -3.54 10.44
CA ILE B 117 5.60 -2.39 11.17
C ILE B 117 6.72 -1.57 11.76
N ARG B 118 7.71 -2.24 12.38
CA ARG B 118 8.92 -1.58 12.84
C ARG B 118 9.56 -0.78 11.72
N ASP B 119 9.79 -1.42 10.56
CA ASP B 119 10.48 -0.72 9.48
C ASP B 119 9.72 0.53 9.05
N ALA B 120 8.38 0.44 9.01
CA ALA B 120 7.59 1.62 8.60
C ALA B 120 7.69 2.73 9.63
N LEU B 121 7.64 2.39 10.91
CA LEU B 121 7.71 3.42 11.94
C LEU B 121 9.11 4.05 11.98
N VAL B 122 10.15 3.24 11.76
CA VAL B 122 11.52 3.76 11.72
C VAL B 122 11.67 4.73 10.55
N LYS B 123 11.06 4.40 9.41
CA LYS B 123 11.19 5.20 8.20
C LYS B 123 10.50 6.55 8.35
N TYR B 124 9.26 6.55 8.86
CA TYR B 124 8.44 7.74 8.86
C TYR B 124 8.56 8.54 10.15
N ASP B 125 9.11 7.94 11.20
CA ASP B 125 9.38 8.65 12.45
C ASP B 125 10.80 8.29 12.91
N PRO B 126 11.81 8.67 12.13
CA PRO B 126 13.19 8.26 12.43
C PRO B 126 13.68 8.73 13.80
N ASP B 127 13.07 9.77 14.35
CA ASP B 127 13.53 10.28 15.64
C ASP B 127 13.35 9.27 16.77
N ASN B 128 12.49 8.24 16.58
CA ASN B 128 12.31 7.23 17.60
C ASN B 128 12.76 5.85 17.15
N ALA B 129 13.62 5.77 16.13
CA ALA B 129 14.00 4.49 15.55
C ALA B 129 14.48 3.50 16.60
N GLN B 130 15.32 3.95 17.55
CA GLN B 130 15.84 3.01 18.53
C GLN B 130 14.73 2.45 19.43
N ILE B 131 13.75 3.28 19.80
CA ILE B 131 12.62 2.79 20.56
C ILE B 131 11.86 1.72 19.79
N TYR B 132 11.54 2.00 18.52
CA TYR B 132 10.79 1.03 17.73
C TYR B 132 11.57 -0.27 17.57
N LYS B 133 12.89 -0.16 17.37
CA LYS B 133 13.67 -1.36 17.12
C LYS B 133 13.73 -2.25 18.35
N GLN B 134 13.84 -1.64 19.53
CA GLN B 134 13.97 -2.46 20.72
C GLN B 134 12.62 -2.99 21.19
N ASN B 135 11.55 -2.20 21.04
CA ASN B 135 10.20 -2.71 21.32
C ASN B 135 9.87 -3.89 20.42
N ALA B 136 10.18 -3.77 19.13
CA ALA B 136 9.95 -4.88 18.21
C ALA B 136 10.77 -6.10 18.60
N GLU B 137 12.02 -5.90 19.01
CA GLU B 137 12.85 -7.05 19.37
C GLU B 137 12.28 -7.73 20.60
N ARG B 138 11.86 -6.94 21.60
CA ARG B 138 11.23 -7.51 22.78
C ARG B 138 9.94 -8.22 22.44
N TYR B 139 9.11 -7.61 21.60
CA TYR B 139 7.84 -8.22 21.23
C TYR B 139 8.05 -9.50 20.46
N LYS B 140 8.99 -9.49 19.49
CA LYS B 140 9.30 -10.71 18.76
C LYS B 140 9.78 -11.81 19.70
N ALA B 141 10.57 -11.43 20.70
CA ALA B 141 11.07 -12.43 21.64
C ALA B 141 9.93 -13.09 22.40
N LYS B 142 8.93 -12.29 22.78
CA LYS B 142 7.75 -12.86 23.43
C LYS B 142 6.97 -13.74 22.46
N ILE B 143 6.82 -13.30 21.21
CA ILE B 143 6.05 -14.07 20.24
C ILE B 143 6.66 -15.45 20.04
N ARG B 144 7.98 -15.53 19.92
N ARG B 144 7.99 -15.53 19.95
CA ARG B 144 8.62 -16.83 19.78
CA ARG B 144 8.62 -16.85 19.76
C ARG B 144 8.45 -17.68 21.03
C ARG B 144 8.59 -17.68 21.04
N GLN B 145 8.53 -17.05 22.21
CA GLN B 145 8.32 -17.82 23.45
C GLN B 145 6.92 -18.44 23.47
N ALA B 147 5.32 -19.37 20.89
CA ALA B 147 5.23 -20.34 19.81
C ALA B 147 5.82 -21.70 20.15
N ASP B 148 6.50 -21.84 21.29
CA ASP B 148 7.19 -23.09 21.59
C ASP B 148 6.20 -24.25 21.58
N PRO B 149 6.45 -25.31 20.80
CA PRO B 149 5.50 -26.42 20.75
C PRO B 149 5.40 -27.15 22.07
N LEU B 150 6.48 -27.19 22.86
CA LEU B 150 6.40 -27.77 24.18
C LEU B 150 5.40 -27.02 25.06
N ARG B 151 5.41 -25.69 24.97
CA ARG B 151 4.47 -24.90 25.76
C ARG B 151 3.04 -25.28 25.45
N ALA B 152 2.72 -25.52 24.17
CA ALA B 152 1.36 -25.91 23.80
C ALA B 152 0.97 -27.24 24.42
N GLU B 153 1.91 -28.19 24.48
CA GLU B 153 1.61 -29.49 25.10
C GLU B 153 1.36 -29.33 26.60
N LEU B 154 2.25 -28.61 27.29
CA LEU B 154 2.09 -28.44 28.72
C LEU B 154 0.79 -27.73 29.08
N GLU B 155 0.25 -26.92 28.16
CA GLU B 155 -1.07 -26.30 28.40
C GLU B 155 -2.17 -27.34 28.52
N LYS B 156 -2.02 -28.51 27.88
CA LYS B 156 -3.06 -29.52 27.93
C LYS B 156 -3.18 -30.18 29.29
N ILE B 157 -2.27 -29.89 30.21
CA ILE B 157 -2.28 -30.54 31.53
C ILE B 157 -3.33 -29.86 32.41
N PRO B 158 -4.35 -30.58 32.86
CA PRO B 158 -5.37 -29.97 33.71
C PRO B 158 -4.84 -29.69 35.11
N ALA B 159 -5.53 -28.80 35.80
CA ALA B 159 -5.18 -28.47 37.18
C ALA B 159 -5.49 -29.66 38.10
N ASP B 160 -4.74 -29.73 39.19
CA ASP B 160 -4.96 -30.77 40.21
C ASP B 160 -6.37 -30.64 40.78
#